data_7TI6
#
_entry.id   7TI6
#
_cell.length_a   56.083
_cell.length_b   64.317
_cell.length_c   76.324
_cell.angle_alpha   90.000
_cell.angle_beta   98.182
_cell.angle_gamma   90.000
#
_symmetry.space_group_name_H-M   'P 1 21 1'
#
loop_
_entity.id
_entity.type
_entity.pdbx_description
1 polymer 'PCT64_LMCA Fab heavy chain'
2 polymer 'PCT64_LMCA light chain (wild type)'
3 non-polymer '4-(2-HYDROXYETHYL)-1-PIPERAZINE ETHANESULFONIC ACID'
4 water water
#
loop_
_entity_poly.entity_id
_entity_poly.type
_entity_poly.pdbx_seq_one_letter_code
_entity_poly.pdbx_strand_id
1 'polypeptide(L)'
;EVQLVESGGGLVKPGGSLRLSCAASGFTFSNAWMSWVRQAPGKGLEWVGRIKSKTDGGTTDYAAPVKGRFTISRDDSKNT
LYLQMNSLKTEDTAVYYCTTGVETYDFWSGYDDHYYDYYFRDVWGKGTTVTVSSASTKGPSVFPLAPSSKSTSGGTAALG
CLVKDYFPEPVTVSWNSGALTSGVHTFPAVLQSSGLYSLSSVVTVPSSSLGTQTYICNVNHKPSNTKVDKRVEPKSCD
;
H
2 'polypeptide(L)'
;VHEIVLTQSPGTLSLSPGERATLSCRASQSVSSSYLAWYQQKPGQAPRLLIYGASSRATGIPDRFSGSGSGTDFTLTISR
LEPEDFAVYYCQQYGSSFTFGPGTKVDIKRTVAAPSVFIFPPSDEQLKSGTASVVCLLNNFYPREAKVQWKVDNALQSGN
SQESVTEQDSKDSTYSLSSTLTLSKADYEKHKVYACEVTHQGLSSPVTKSFNRGEC
;
L
#
loop_
_chem_comp.id
_chem_comp.type
_chem_comp.name
_chem_comp.formula
EPE non-polymer '4-(2-HYDROXYETHYL)-1-PIPERAZINE ETHANESULFONIC ACID' 'C8 H18 N2 O4 S'
#
# COMPACT_ATOMS: atom_id res chain seq x y z
N GLU A 1 23.68 -18.41 -5.44
CA GLU A 1 22.50 -17.82 -6.08
C GLU A 1 21.24 -18.22 -5.34
N VAL A 2 21.05 -17.62 -4.16
CA VAL A 2 19.91 -17.96 -3.32
C VAL A 2 18.63 -17.38 -3.93
N GLN A 3 17.54 -18.14 -3.85
CA GLN A 3 16.31 -17.76 -4.54
C GLN A 3 15.12 -18.52 -3.95
N LEU A 4 14.00 -17.82 -3.83
CA LEU A 4 12.72 -18.41 -3.44
C LEU A 4 11.67 -17.98 -4.46
N VAL A 5 10.85 -18.93 -4.92
CA VAL A 5 9.84 -18.68 -5.93
C VAL A 5 8.49 -19.14 -5.40
N GLU A 6 7.55 -18.20 -5.27
CA GLU A 6 6.20 -18.51 -4.84
C GLU A 6 5.31 -18.85 -6.03
N SER A 7 4.25 -19.61 -5.75
CA SER A 7 3.29 -20.01 -6.76
C SER A 7 2.02 -20.48 -6.08
N GLY A 8 0.92 -20.46 -6.82
CA GLY A 8 -0.36 -20.92 -6.34
C GLY A 8 -1.35 -19.84 -5.99
N GLY A 9 -0.91 -18.58 -5.92
CA GLY A 9 -1.83 -17.51 -5.59
C GLY A 9 -2.82 -17.25 -6.70
N GLY A 10 -4.01 -16.79 -6.31
CA GLY A 10 -5.04 -16.49 -7.28
C GLY A 10 -6.31 -16.03 -6.61
N LEU A 11 -7.40 -16.09 -7.36
CA LEU A 11 -8.71 -15.65 -6.89
C LEU A 11 -9.48 -16.82 -6.31
N VAL A 12 -10.02 -16.64 -5.11
CA VAL A 12 -10.73 -17.70 -4.39
C VAL A 12 -12.00 -17.13 -3.79
N LYS A 13 -13.07 -17.92 -3.82
CA LYS A 13 -14.29 -17.54 -3.13
C LYS A 13 -14.10 -17.68 -1.62
N PRO A 14 -14.82 -16.89 -0.83
CA PRO A 14 -14.75 -17.04 0.63
C PRO A 14 -15.20 -18.43 1.06
N GLY A 15 -14.42 -19.03 1.94
CA GLY A 15 -14.67 -20.38 2.42
C GLY A 15 -13.87 -21.45 1.70
N GLY A 16 -13.33 -21.15 0.53
CA GLY A 16 -12.55 -22.11 -0.22
C GLY A 16 -11.16 -22.29 0.37
N SER A 17 -10.39 -23.14 -0.31
CA SER A 17 -9.03 -23.46 0.09
C SER A 17 -8.06 -23.05 -1.01
N LEU A 18 -6.78 -22.98 -0.65
CA LEU A 18 -5.75 -22.61 -1.62
C LEU A 18 -4.39 -23.05 -1.06
N ARG A 19 -3.59 -23.69 -1.90
CA ARG A 19 -2.28 -24.19 -1.50
C ARG A 19 -1.20 -23.35 -2.18
N LEU A 20 -0.40 -22.65 -1.37
CA LEU A 20 0.73 -21.88 -1.87
C LEU A 20 2.00 -22.71 -1.75
N SER A 21 2.80 -22.70 -2.82
CA SER A 21 4.07 -23.42 -2.85
C SER A 21 5.21 -22.42 -3.00
N CYS A 22 6.34 -22.77 -2.39
CA CYS A 22 7.55 -21.94 -2.42
C CYS A 22 8.74 -22.85 -2.69
N ALA A 23 9.34 -22.71 -3.88
CA ALA A 23 10.49 -23.51 -4.28
C ALA A 23 11.78 -22.76 -3.96
N ALA A 24 12.73 -23.48 -3.36
CA ALA A 24 13.99 -22.89 -2.93
C ALA A 24 15.13 -23.32 -3.85
N SER A 25 16.14 -22.46 -3.96
CA SER A 25 17.31 -22.75 -4.77
C SER A 25 18.50 -21.99 -4.21
N GLY A 26 19.69 -22.57 -4.37
CA GLY A 26 20.92 -21.90 -4.04
C GLY A 26 21.37 -21.99 -2.60
N PHE A 27 20.69 -22.76 -1.76
CA PHE A 27 21.10 -22.91 -0.38
C PHE A 27 20.56 -24.22 0.17
N THR A 28 21.06 -24.59 1.35
CA THR A 28 20.68 -25.85 2.00
C THR A 28 19.30 -25.66 2.64
N PHE A 29 18.26 -26.07 1.91
CA PHE A 29 16.89 -25.84 2.35
C PHE A 29 16.54 -26.67 3.59
N SER A 30 17.14 -27.86 3.73
CA SER A 30 16.76 -28.73 4.83
C SER A 30 17.15 -28.15 6.19
N ASN A 31 18.22 -27.36 6.25
CA ASN A 31 18.72 -26.81 7.49
C ASN A 31 18.19 -25.41 7.79
N ALA A 32 17.22 -24.94 7.02
CA ALA A 32 16.69 -23.59 7.18
C ALA A 32 15.28 -23.63 7.74
N TRP A 33 14.98 -22.68 8.62
CA TRP A 33 13.62 -22.45 9.07
C TRP A 33 12.92 -21.55 8.06
N MET A 34 11.65 -21.82 7.79
CA MET A 34 10.94 -21.16 6.71
C MET A 34 9.68 -20.48 7.25
N SER A 35 9.47 -19.23 6.83
CA SER A 35 8.36 -18.42 7.31
C SER A 35 7.52 -17.91 6.15
N TRP A 36 6.21 -17.90 6.36
CA TRP A 36 5.27 -17.19 5.50
C TRP A 36 4.89 -15.89 6.16
N VAL A 37 5.01 -14.80 5.40
CA VAL A 37 4.70 -13.44 5.85
C VAL A 37 3.83 -12.79 4.78
N ARG A 38 2.66 -12.30 5.18
CA ARG A 38 1.73 -11.70 4.23
C ARG A 38 1.64 -10.19 4.44
N GLN A 39 1.18 -9.51 3.39
CA GLN A 39 1.01 -8.06 3.41
C GLN A 39 -0.27 -7.71 2.66
N ALA A 40 -1.24 -7.16 3.39
CA ALA A 40 -2.50 -6.75 2.79
C ALA A 40 -2.30 -5.48 1.96
N PRO A 41 -3.21 -5.21 1.01
CA PRO A 41 -3.06 -4.01 0.18
C PRO A 41 -2.94 -2.72 0.97
N GLY A 42 -1.79 -2.05 0.84
CA GLY A 42 -1.57 -0.78 1.49
C GLY A 42 -1.40 -0.83 2.99
N LYS A 43 -1.32 -2.02 3.58
CA LYS A 43 -1.17 -2.18 5.01
C LYS A 43 0.27 -2.59 5.34
N GLY A 44 0.52 -2.86 6.62
CA GLY A 44 1.84 -3.27 7.06
C GLY A 44 2.03 -4.78 6.99
N LEU A 45 3.28 -5.20 7.16
CA LEU A 45 3.62 -6.61 7.08
C LEU A 45 3.00 -7.38 8.24
N GLU A 46 2.58 -8.61 7.97
CA GLU A 46 2.02 -9.49 8.99
C GLU A 46 2.67 -10.86 8.87
N TRP A 47 3.20 -11.36 9.99
CA TRP A 47 3.80 -12.68 10.04
C TRP A 47 2.69 -13.73 10.10
N VAL A 48 2.67 -14.63 9.12
CA VAL A 48 1.67 -15.69 9.09
C VAL A 48 2.12 -16.90 9.91
N GLY A 49 3.32 -17.40 9.65
CA GLY A 49 3.77 -18.57 10.40
C GLY A 49 5.18 -18.96 10.04
N ARG A 50 5.65 -20.00 10.74
CA ARG A 50 7.01 -20.49 10.52
C ARG A 50 7.11 -21.96 10.91
N ILE A 51 7.85 -22.72 10.11
CA ILE A 51 8.18 -24.11 10.39
C ILE A 51 9.69 -24.22 10.55
N LYS A 52 10.11 -25.09 11.46
CA LYS A 52 11.51 -25.26 11.81
C LYS A 52 12.16 -26.36 10.98
N SER A 53 13.47 -26.50 11.15
CA SER A 53 14.22 -27.54 10.47
C SER A 53 13.88 -28.91 11.06
N LYS A 54 14.21 -29.96 10.29
CA LYS A 54 14.04 -31.31 10.80
C LYS A 54 14.89 -31.55 12.04
N THR A 55 16.08 -30.94 12.10
CA THR A 55 16.94 -31.10 13.26
C THR A 55 16.29 -30.51 14.50
N ASP A 56 15.60 -29.38 14.36
CA ASP A 56 14.98 -28.69 15.47
C ASP A 56 13.55 -29.16 15.75
N GLY A 57 13.15 -30.30 15.18
CA GLY A 57 11.84 -30.87 15.42
C GLY A 57 10.82 -30.60 14.34
N GLY A 58 11.00 -29.54 13.56
CA GLY A 58 10.06 -29.23 12.50
C GLY A 58 8.69 -28.80 12.97
N THR A 59 8.58 -28.29 14.20
CA THR A 59 7.31 -27.81 14.71
C THR A 59 6.95 -26.47 14.07
N THR A 60 5.67 -26.13 14.14
CA THR A 60 5.13 -24.95 13.48
C THR A 60 4.60 -23.95 14.51
N ASP A 61 4.73 -22.67 14.18
CA ASP A 61 4.13 -21.58 14.94
C ASP A 61 3.27 -20.76 14.00
N TYR A 62 2.03 -20.48 14.41
CA TYR A 62 1.07 -19.78 13.58
C TYR A 62 0.63 -18.48 14.25
N ALA A 63 0.31 -17.50 13.42
CA ALA A 63 -0.28 -16.26 13.92
C ALA A 63 -1.70 -16.49 14.39
N ALA A 64 -2.16 -15.60 15.27
CA ALA A 64 -3.49 -15.76 15.85
C ALA A 64 -4.62 -15.73 14.82
N PRO A 65 -4.69 -14.75 13.89
CA PRO A 65 -5.83 -14.73 12.95
C PRO A 65 -5.87 -15.89 11.98
N VAL A 66 -4.82 -16.70 11.88
CA VAL A 66 -4.76 -17.80 10.94
C VAL A 66 -4.51 -19.13 11.63
N LYS A 67 -4.66 -19.18 12.95
CA LYS A 67 -4.18 -20.33 13.73
C LYS A 67 -4.89 -21.62 13.33
N GLY A 68 -6.22 -21.64 13.45
CA GLY A 68 -6.96 -22.85 13.15
C GLY A 68 -7.35 -23.05 11.71
N ARG A 69 -6.84 -22.23 10.79
CA ARG A 69 -7.24 -22.30 9.39
C ARG A 69 -6.07 -22.55 8.44
N PHE A 70 -4.91 -21.98 8.72
CA PHE A 70 -3.73 -22.17 7.87
C PHE A 70 -2.83 -23.24 8.46
N THR A 71 -2.09 -23.92 7.59
CA THR A 71 -1.21 -25.01 7.98
C THR A 71 0.05 -24.97 7.12
N ILE A 72 1.20 -24.93 7.77
CA ILE A 72 2.49 -24.86 7.08
C ILE A 72 3.12 -26.24 7.09
N SER A 73 3.60 -26.68 5.93
CA SER A 73 4.30 -27.95 5.81
C SER A 73 5.53 -27.75 4.92
N ARG A 74 6.37 -28.78 4.86
CA ARG A 74 7.56 -28.70 4.02
C ARG A 74 7.85 -30.06 3.40
N ASP A 75 8.40 -30.02 2.18
CA ASP A 75 8.86 -31.20 1.46
C ASP A 75 10.35 -31.00 1.17
N ASP A 76 11.19 -31.72 1.90
CA ASP A 76 12.63 -31.54 1.79
C ASP A 76 13.20 -32.17 0.52
N SER A 77 12.57 -33.22 0.00
CA SER A 77 13.13 -33.91 -1.16
C SER A 77 13.17 -33.01 -2.39
N LYS A 78 12.21 -32.10 -2.53
CA LYS A 78 12.19 -31.18 -3.66
C LYS A 78 12.36 -29.72 -3.23
N ASN A 79 12.76 -29.48 -1.98
CA ASN A 79 13.03 -28.14 -1.46
C ASN A 79 11.83 -27.21 -1.66
N THR A 80 10.70 -27.60 -1.07
CA THR A 80 9.46 -26.87 -1.23
C THR A 80 8.82 -26.62 0.13
N LEU A 81 8.17 -25.47 0.25
CA LEU A 81 7.45 -25.05 1.45
C LEU A 81 6.01 -24.79 1.08
N TYR A 82 5.07 -25.31 1.85
CA TYR A 82 3.66 -25.25 1.52
C TYR A 82 2.88 -24.52 2.59
N LEU A 83 1.99 -23.62 2.15
CA LEU A 83 1.01 -22.97 3.01
C LEU A 83 -0.38 -23.39 2.53
N GLN A 84 -1.04 -24.25 3.31
CA GLN A 84 -2.39 -24.68 3.02
C GLN A 84 -3.36 -23.74 3.74
N MET A 85 -4.21 -23.06 2.97
CA MET A 85 -5.14 -22.08 3.50
C MET A 85 -6.56 -22.64 3.36
N ASN A 86 -7.25 -22.79 4.48
CA ASN A 86 -8.63 -23.27 4.49
C ASN A 86 -9.53 -22.23 5.12
N SER A 87 -10.81 -22.28 4.74
CA SER A 87 -11.82 -21.37 5.28
C SER A 87 -11.40 -19.91 5.09
N LEU A 88 -11.09 -19.58 3.84
CA LEU A 88 -10.53 -18.27 3.53
C LEU A 88 -11.56 -17.16 3.80
N LYS A 89 -11.08 -16.08 4.40
CA LYS A 89 -11.87 -14.89 4.65
C LYS A 89 -11.41 -13.76 3.74
N THR A 90 -12.24 -12.71 3.67
CA THR A 90 -11.91 -11.58 2.80
C THR A 90 -10.63 -10.88 3.25
N GLU A 91 -10.41 -10.79 4.57
CA GLU A 91 -9.22 -10.13 5.07
C GLU A 91 -7.94 -10.93 4.83
N ASP A 92 -8.03 -12.13 4.25
CA ASP A 92 -6.84 -12.87 3.88
C ASP A 92 -6.26 -12.44 2.54
N THR A 93 -6.93 -11.53 1.83
CA THR A 93 -6.40 -11.01 0.57
C THR A 93 -5.09 -10.26 0.82
N ALA A 94 -4.01 -10.75 0.24
CA ALA A 94 -2.69 -10.18 0.51
C ALA A 94 -1.67 -10.76 -0.45
N VAL A 95 -0.50 -10.14 -0.48
CA VAL A 95 0.68 -10.72 -1.12
C VAL A 95 1.43 -11.54 -0.09
N TYR A 96 1.68 -12.80 -0.40
CA TYR A 96 2.34 -13.74 0.51
C TYR A 96 3.78 -13.96 0.07
N TYR A 97 4.71 -13.77 1.00
CA TYR A 97 6.13 -14.04 0.77
C TYR A 97 6.57 -15.23 1.61
N CYS A 98 7.47 -16.03 1.07
CA CYS A 98 8.21 -16.99 1.86
C CYS A 98 9.62 -16.46 2.08
N THR A 99 10.18 -16.77 3.24
CA THR A 99 11.51 -16.27 3.58
C THR A 99 12.19 -17.23 4.52
N THR A 100 13.52 -17.20 4.51
CA THR A 100 14.27 -17.93 5.53
C THR A 100 14.10 -17.26 6.88
N GLY A 101 14.11 -15.94 6.92
CA GLY A 101 13.77 -15.20 8.12
C GLY A 101 14.95 -14.94 9.03
N VAL A 102 14.67 -14.13 10.06
CA VAL A 102 15.72 -13.70 10.97
C VAL A 102 16.16 -14.84 11.86
N GLU A 103 15.28 -15.76 12.21
CA GLU A 103 15.70 -16.93 12.97
C GLU A 103 16.74 -17.73 12.21
N THR A 104 16.49 -17.97 10.91
CA THR A 104 17.45 -18.69 10.10
C THR A 104 18.76 -17.91 9.96
N TYR A 105 18.66 -16.61 9.69
CA TYR A 105 19.87 -15.82 9.50
C TYR A 105 20.69 -15.70 10.79
N ASP A 106 20.02 -15.68 11.94
CA ASP A 106 20.69 -15.49 13.22
C ASP A 106 21.31 -16.78 13.72
N PHE A 107 20.57 -17.89 13.62
CA PHE A 107 21.09 -19.17 14.08
C PHE A 107 22.09 -19.78 13.12
N TRP A 108 22.26 -19.20 11.94
CA TRP A 108 23.30 -19.59 10.99
C TRP A 108 24.64 -18.94 11.30
N SER A 109 24.73 -18.17 12.39
CA SER A 109 25.94 -17.42 12.76
C SER A 109 26.39 -16.51 11.62
N GLY A 110 25.53 -15.55 11.30
CA GLY A 110 25.77 -14.64 10.20
C GLY A 110 25.65 -15.34 8.87
N TYR A 111 26.77 -15.50 8.17
CA TYR A 111 26.84 -16.26 6.93
C TYR A 111 27.47 -17.62 7.19
N ASP A 112 27.23 -18.55 6.28
CA ASP A 112 27.78 -19.89 6.39
C ASP A 112 29.30 -19.87 6.21
N TYR A 116 27.76 -25.93 5.45
CA TYR A 116 28.03 -26.54 4.14
C TYR A 116 28.10 -25.48 3.04
N ASP A 117 28.69 -25.87 1.90
CA ASP A 117 28.90 -25.00 0.74
C ASP A 117 29.81 -23.86 1.14
N TYR A 118 29.39 -22.60 1.10
CA TYR A 118 30.28 -21.48 1.33
C TYR A 118 29.68 -20.43 2.25
N TYR A 119 28.60 -19.77 1.80
CA TYR A 119 28.02 -18.68 2.56
C TYR A 119 26.51 -18.78 2.66
N PHE A 120 25.87 -17.75 3.19
CA PHE A 120 24.41 -17.69 3.26
C PHE A 120 23.98 -16.24 3.42
N ARG A 121 22.83 -15.92 2.84
CA ARG A 121 22.28 -14.58 2.91
C ARG A 121 20.77 -14.66 3.05
N ASP A 122 20.19 -13.67 3.72
CA ASP A 122 18.74 -13.61 3.88
C ASP A 122 18.06 -13.52 2.52
N VAL A 123 17.09 -14.39 2.28
CA VAL A 123 16.45 -14.52 0.99
C VAL A 123 14.94 -14.36 1.16
N TRP A 124 14.33 -13.66 0.20
CA TRP A 124 12.89 -13.49 0.14
C TRP A 124 12.41 -13.86 -1.25
N GLY A 125 11.15 -14.26 -1.35
CA GLY A 125 10.54 -14.50 -2.64
C GLY A 125 9.90 -13.26 -3.22
N LYS A 126 9.57 -13.32 -4.50
CA LYS A 126 8.86 -12.22 -5.14
C LYS A 126 7.48 -12.02 -4.55
N GLY A 127 6.88 -13.08 -4.01
CA GLY A 127 5.54 -13.02 -3.46
C GLY A 127 4.51 -13.50 -4.47
N THR A 128 3.39 -14.01 -3.96
CA THR A 128 2.27 -14.40 -4.78
C THR A 128 1.00 -13.81 -4.19
N THR A 129 0.12 -13.32 -5.06
CA THR A 129 -1.04 -12.54 -4.63
C THR A 129 -2.26 -13.44 -4.49
N VAL A 130 -2.85 -13.45 -3.31
CA VAL A 130 -4.05 -14.23 -3.02
C VAL A 130 -5.20 -13.24 -2.82
N THR A 131 -6.24 -13.39 -3.62
CA THR A 131 -7.43 -12.55 -3.56
C THR A 131 -8.62 -13.41 -3.15
N VAL A 132 -9.25 -13.04 -2.04
CA VAL A 132 -10.46 -13.71 -1.56
C VAL A 132 -11.63 -12.79 -1.80
N SER A 133 -12.54 -13.19 -2.68
CA SER A 133 -13.67 -12.37 -3.06
C SER A 133 -14.68 -13.21 -3.82
N SER A 134 -15.96 -13.03 -3.50
CA SER A 134 -17.03 -13.70 -4.20
C SER A 134 -17.54 -12.89 -5.39
N ALA A 135 -16.84 -11.83 -5.76
CA ALA A 135 -17.26 -11.00 -6.88
C ALA A 135 -16.93 -11.66 -8.21
N SER A 136 -17.67 -11.28 -9.24
CA SER A 136 -17.45 -11.78 -10.59
C SER A 136 -16.67 -10.77 -11.41
N THR A 137 -16.10 -11.24 -12.52
CA THR A 137 -15.36 -10.36 -13.41
C THR A 137 -16.28 -9.33 -14.03
N LYS A 138 -15.85 -8.07 -14.04
CA LYS A 138 -16.69 -6.99 -14.52
C LYS A 138 -15.81 -5.84 -15.00
N GLY A 139 -16.07 -5.36 -16.21
CA GLY A 139 -15.38 -4.21 -16.74
C GLY A 139 -15.87 -2.93 -16.11
N PRO A 140 -15.00 -1.92 -16.08
CA PRO A 140 -15.34 -0.66 -15.41
C PRO A 140 -16.09 0.31 -16.31
N SER A 141 -16.80 1.22 -15.66
CA SER A 141 -17.37 2.38 -16.34
C SER A 141 -16.45 3.57 -16.13
N VAL A 142 -16.20 4.32 -17.20
CA VAL A 142 -15.28 5.45 -17.17
C VAL A 142 -16.08 6.73 -17.28
N PHE A 143 -15.93 7.61 -16.30
CA PHE A 143 -16.66 8.87 -16.26
C PHE A 143 -15.68 10.04 -16.24
N PRO A 144 -16.07 11.17 -16.83
CA PRO A 144 -15.16 12.32 -16.86
C PRO A 144 -15.24 13.16 -15.59
N LEU A 145 -14.08 13.65 -15.16
CA LEU A 145 -13.97 14.68 -14.13
C LEU A 145 -13.60 15.95 -14.88
N ALA A 146 -14.61 16.72 -15.26
CA ALA A 146 -14.45 17.91 -16.09
C ALA A 146 -14.23 19.14 -15.23
N PRO A 147 -13.34 20.04 -15.66
CA PRO A 147 -13.05 21.23 -14.86
C PRO A 147 -14.14 22.30 -14.94
N SER A 148 -13.73 23.56 -14.81
CA SER A 148 -14.66 24.67 -14.79
C SER A 148 -15.16 25.01 -16.20
N SER A 153 -12.14 29.11 -14.60
CA SER A 153 -10.82 28.56 -14.29
C SER A 153 -9.81 29.68 -14.02
N GLY A 154 -8.61 29.31 -13.56
CA GLY A 154 -7.55 30.27 -13.37
C GLY A 154 -6.41 30.05 -14.33
N GLY A 155 -5.25 29.64 -13.83
CA GLY A 155 -4.13 29.31 -14.69
C GLY A 155 -3.99 27.81 -14.85
N THR A 156 -3.96 27.09 -13.73
CA THR A 156 -3.88 25.64 -13.74
C THR A 156 -5.28 25.04 -13.68
N ALA A 157 -5.59 24.15 -14.60
CA ALA A 157 -6.86 23.45 -14.65
C ALA A 157 -6.61 21.96 -14.50
N ALA A 158 -7.47 21.28 -13.74
CA ALA A 158 -7.37 19.86 -13.51
C ALA A 158 -8.53 19.12 -14.16
N LEU A 159 -8.22 18.02 -14.85
CA LEU A 159 -9.24 17.17 -15.46
C LEU A 159 -8.86 15.72 -15.29
N GLY A 160 -9.85 14.84 -15.15
CA GLY A 160 -9.53 13.45 -14.86
C GLY A 160 -10.51 12.40 -15.34
N CYS A 161 -10.22 11.15 -15.00
CA CYS A 161 -11.05 10.00 -15.33
C CYS A 161 -11.31 9.20 -14.07
N LEU A 162 -12.59 8.90 -13.83
CA LEU A 162 -13.02 8.01 -12.76
C LEU A 162 -13.34 6.65 -13.37
N VAL A 163 -12.58 5.64 -12.99
CA VAL A 163 -12.72 4.28 -13.49
C VAL A 163 -13.36 3.47 -12.39
N LYS A 164 -14.65 3.21 -12.50
CA LYS A 164 -15.45 2.74 -11.38
C LYS A 164 -16.02 1.36 -11.65
N ASP A 165 -16.14 0.57 -10.56
CA ASP A 165 -16.90 -0.67 -10.57
C ASP A 165 -16.32 -1.70 -11.55
N TYR A 166 -15.09 -2.13 -11.27
CA TYR A 166 -14.44 -3.19 -12.01
C TYR A 166 -13.94 -4.27 -11.05
N PHE A 167 -13.68 -5.45 -11.61
CA PHE A 167 -13.13 -6.57 -10.88
C PHE A 167 -12.65 -7.62 -11.87
N PRO A 168 -11.48 -8.25 -11.64
CA PRO A 168 -10.58 -7.92 -10.53
C PRO A 168 -9.58 -6.83 -10.90
N GLU A 169 -8.54 -6.69 -10.11
CA GLU A 169 -7.43 -5.80 -10.44
C GLU A 169 -6.52 -6.47 -11.47
N PRO A 170 -5.73 -5.68 -12.21
CA PRO A 170 -5.62 -4.21 -12.19
C PRO A 170 -6.29 -3.52 -13.37
N VAL A 171 -6.11 -2.20 -13.42
CA VAL A 171 -6.54 -1.38 -14.54
C VAL A 171 -5.41 -0.41 -14.87
N THR A 172 -5.09 -0.29 -16.16
CA THR A 172 -4.04 0.62 -16.61
C THR A 172 -4.67 1.86 -17.23
N VAL A 173 -4.19 3.03 -16.83
CA VAL A 173 -4.70 4.31 -17.33
C VAL A 173 -3.53 5.13 -17.85
N SER A 174 -3.58 5.46 -19.13
CA SER A 174 -2.62 6.38 -19.74
C SER A 174 -3.36 7.58 -20.30
N TRP A 175 -2.62 8.56 -20.79
CA TRP A 175 -3.22 9.78 -21.32
C TRP A 175 -2.68 10.07 -22.71
N ASN A 176 -3.59 10.30 -23.65
CA ASN A 176 -3.25 10.61 -25.05
C ASN A 176 -2.34 9.55 -25.63
N SER A 177 -2.77 8.29 -25.50
CA SER A 177 -2.01 7.12 -25.98
C SER A 177 -0.61 7.07 -25.38
N GLY A 178 -0.46 7.60 -24.16
CA GLY A 178 0.83 7.60 -23.50
C GLY A 178 1.75 8.75 -23.84
N ALA A 179 1.26 9.76 -24.56
CA ALA A 179 2.08 10.90 -24.93
C ALA A 179 1.93 12.07 -23.96
N LEU A 180 1.28 11.87 -22.83
CA LEU A 180 1.12 12.90 -21.80
C LEU A 180 1.43 12.27 -20.45
N THR A 181 2.53 12.71 -19.83
CA THR A 181 2.98 12.14 -18.56
C THR A 181 3.18 13.22 -17.52
N SER A 182 3.51 14.43 -17.96
CA SER A 182 3.80 15.51 -17.03
C SER A 182 2.52 15.95 -16.31
N GLY A 183 2.57 15.96 -14.98
CA GLY A 183 1.45 16.38 -14.18
C GLY A 183 0.37 15.34 -13.99
N VAL A 184 0.61 14.09 -14.36
CA VAL A 184 -0.38 13.03 -14.24
C VAL A 184 -0.24 12.38 -12.87
N HIS A 185 -1.37 12.22 -12.17
CA HIS A 185 -1.41 11.53 -10.89
C HIS A 185 -2.50 10.46 -10.97
N THR A 186 -2.09 9.19 -10.99
CA THR A 186 -3.01 8.08 -10.97
C THR A 186 -3.02 7.47 -9.57
N PHE A 187 -4.17 7.49 -8.92
CA PHE A 187 -4.27 7.12 -7.53
C PHE A 187 -4.43 5.60 -7.38
N PRO A 188 -4.03 5.05 -6.24
CA PRO A 188 -4.26 3.62 -6.00
C PRO A 188 -5.75 3.32 -5.94
N ALA A 189 -6.11 2.14 -6.42
CA ALA A 189 -7.51 1.72 -6.45
C ALA A 189 -8.04 1.55 -5.04
N VAL A 190 -9.35 1.73 -4.88
CA VAL A 190 -10.03 1.54 -3.61
C VAL A 190 -11.06 0.42 -3.79
N LEU A 191 -11.11 -0.47 -2.82
CA LEU A 191 -12.08 -1.56 -2.80
C LEU A 191 -13.34 -1.05 -2.10
N GLN A 192 -14.43 -0.95 -2.85
CA GLN A 192 -15.68 -0.48 -2.30
C GLN A 192 -16.40 -1.61 -1.56
N SER A 193 -17.34 -1.25 -0.69
CA SER A 193 -18.09 -2.25 0.06
C SER A 193 -18.91 -3.15 -0.86
N SER A 194 -19.16 -2.72 -2.10
CA SER A 194 -19.84 -3.57 -3.07
C SER A 194 -18.97 -4.72 -3.55
N GLY A 195 -17.68 -4.71 -3.26
CA GLY A 195 -16.77 -5.73 -3.72
C GLY A 195 -16.01 -5.36 -4.98
N LEU A 196 -16.35 -4.24 -5.62
CA LEU A 196 -15.70 -3.80 -6.83
C LEU A 196 -14.68 -2.71 -6.53
N TYR A 197 -13.80 -2.46 -7.49
CA TYR A 197 -12.72 -1.51 -7.33
C TYR A 197 -13.03 -0.19 -8.04
N SER A 198 -12.46 0.89 -7.52
CA SER A 198 -12.61 2.22 -8.10
C SER A 198 -11.24 2.89 -8.12
N LEU A 199 -10.99 3.66 -9.18
CA LEU A 199 -9.70 4.28 -9.42
C LEU A 199 -9.93 5.67 -10.00
N SER A 200 -8.96 6.56 -9.77
CA SER A 200 -9.02 7.92 -10.30
C SER A 200 -7.67 8.28 -10.92
N SER A 201 -7.72 9.00 -12.04
CA SER A 201 -6.50 9.46 -12.70
C SER A 201 -6.70 10.91 -13.14
N VAL A 202 -5.94 11.83 -12.55
CA VAL A 202 -6.12 13.26 -12.80
C VAL A 202 -4.87 13.82 -13.49
N VAL A 203 -5.05 14.96 -14.15
CA VAL A 203 -3.98 15.66 -14.86
C VAL A 203 -4.19 17.15 -14.69
N THR A 204 -3.10 17.87 -14.40
CA THR A 204 -3.11 19.32 -14.36
C THR A 204 -2.46 19.87 -15.62
N VAL A 205 -2.95 21.03 -16.07
CA VAL A 205 -2.55 21.56 -17.36
C VAL A 205 -2.87 23.06 -17.40
N PRO A 206 -2.06 23.89 -18.06
CA PRO A 206 -2.45 25.30 -18.23
C PRO A 206 -3.79 25.43 -18.95
N SER A 207 -4.60 26.38 -18.49
CA SER A 207 -5.94 26.56 -19.03
C SER A 207 -5.92 27.05 -20.47
N SER A 208 -4.85 27.74 -20.87
CA SER A 208 -4.79 28.29 -22.22
C SER A 208 -4.73 27.21 -23.30
N SER A 209 -4.45 25.97 -22.93
CA SER A 209 -4.37 24.87 -23.86
C SER A 209 -5.61 23.98 -23.87
N LEU A 210 -6.69 24.44 -23.23
CA LEU A 210 -7.93 23.64 -23.20
C LEU A 210 -8.70 23.69 -24.50
N GLY A 211 -8.43 24.68 -25.35
CA GLY A 211 -9.08 24.76 -26.64
C GLY A 211 -8.13 24.40 -27.77
N THR A 212 -6.85 24.28 -27.45
CA THR A 212 -5.83 23.94 -28.44
C THR A 212 -5.54 22.45 -28.49
N GLN A 213 -5.44 21.80 -27.33
CA GLN A 213 -5.08 20.39 -27.24
C GLN A 213 -6.23 19.59 -26.68
N THR A 214 -6.37 18.35 -27.16
CA THR A 214 -7.37 17.42 -26.69
C THR A 214 -6.76 16.46 -25.68
N TYR A 215 -7.60 15.98 -24.76
CA TYR A 215 -7.15 15.10 -23.69
C TYR A 215 -8.07 13.89 -23.63
N ILE A 216 -7.50 12.71 -23.88
CA ILE A 216 -8.22 11.44 -23.84
C ILE A 216 -7.49 10.51 -22.91
N CYS A 217 -8.20 9.96 -21.93
CA CYS A 217 -7.64 8.95 -21.05
C CYS A 217 -7.95 7.57 -21.62
N ASN A 218 -6.94 6.73 -21.70
CA ASN A 218 -7.05 5.38 -22.23
C ASN A 218 -7.01 4.40 -21.07
N VAL A 219 -8.10 3.69 -20.88
CA VAL A 219 -8.29 2.77 -19.76
C VAL A 219 -8.34 1.34 -20.31
N ASN A 220 -7.58 0.45 -19.70
CA ASN A 220 -7.47 -0.93 -20.14
C ASN A 220 -7.67 -1.84 -18.94
N HIS A 221 -8.68 -2.70 -19.02
CA HIS A 221 -8.97 -3.72 -18.01
C HIS A 221 -8.95 -5.05 -18.76
N LYS A 222 -7.79 -5.71 -18.75
CA LYS A 222 -7.55 -6.94 -19.48
C LYS A 222 -8.29 -8.16 -18.93
N PRO A 223 -8.56 -8.27 -17.62
CA PRO A 223 -9.34 -9.43 -17.14
C PRO A 223 -10.69 -9.58 -17.83
N SER A 224 -11.34 -8.49 -18.23
CA SER A 224 -12.61 -8.55 -18.93
C SER A 224 -12.48 -8.15 -20.40
N ASN A 225 -11.26 -7.92 -20.88
CA ASN A 225 -11.01 -7.51 -22.26
C ASN A 225 -11.77 -6.22 -22.59
N THR A 226 -11.49 -5.19 -21.81
CA THR A 226 -12.18 -3.91 -21.94
C THR A 226 -11.16 -2.81 -22.22
N LYS A 227 -11.37 -2.09 -23.32
CA LYS A 227 -10.56 -0.94 -23.68
C LYS A 227 -11.48 0.25 -23.92
N VAL A 228 -11.19 1.38 -23.28
CA VAL A 228 -12.03 2.57 -23.37
C VAL A 228 -11.13 3.78 -23.57
N ASP A 229 -11.54 4.69 -24.45
CA ASP A 229 -10.85 5.96 -24.66
C ASP A 229 -11.85 7.08 -24.39
N LYS A 230 -11.71 7.76 -23.26
CA LYS A 230 -12.66 8.79 -22.83
C LYS A 230 -12.04 10.16 -23.03
N ARG A 231 -12.68 11.00 -23.85
CA ARG A 231 -12.26 12.37 -24.04
C ARG A 231 -12.82 13.26 -22.94
N VAL A 232 -11.96 14.00 -22.27
CA VAL A 232 -12.35 14.86 -21.16
C VAL A 232 -12.12 16.31 -21.56
N GLU A 233 -13.11 17.15 -21.30
CA GLU A 233 -13.03 18.58 -21.60
C GLU A 233 -13.97 19.31 -20.66
N PRO A 234 -13.76 20.61 -20.46
CA PRO A 234 -14.63 21.37 -19.55
C PRO A 234 -16.11 21.19 -19.88
N LYS A 235 -16.92 21.08 -18.84
CA LYS A 235 -18.34 20.84 -19.01
C LYS A 235 -19.00 21.97 -19.79
N SER A 236 -19.76 21.60 -20.83
CA SER A 236 -20.43 22.59 -21.65
C SER A 236 -21.54 23.27 -20.86
N CYS A 237 -21.43 24.58 -20.67
CA CYS A 237 -22.42 25.32 -19.90
C CYS A 237 -23.80 25.28 -20.56
N ASP A 238 -23.88 24.92 -21.83
CA ASP A 238 -25.16 24.81 -22.52
C ASP A 238 -25.93 23.57 -22.04
N VAL B 1 4.51 -18.62 28.74
CA VAL B 1 4.78 -17.27 28.26
C VAL B 1 3.65 -16.83 27.31
N HIS B 2 3.31 -15.55 27.36
CA HIS B 2 2.16 -15.03 26.64
C HIS B 2 2.61 -14.39 25.32
N GLU B 3 1.64 -13.83 24.62
CA GLU B 3 1.89 -13.07 23.40
C GLU B 3 2.18 -11.62 23.74
N ILE B 4 3.14 -11.03 23.02
CA ILE B 4 3.61 -9.68 23.29
C ILE B 4 3.19 -8.78 22.13
N VAL B 5 2.66 -7.60 22.48
CA VAL B 5 2.27 -6.60 21.50
C VAL B 5 3.43 -5.64 21.29
N LEU B 6 3.55 -5.13 20.06
CA LEU B 6 4.70 -4.34 19.64
C LEU B 6 4.21 -3.00 19.11
N THR B 7 4.82 -1.92 19.59
CA THR B 7 4.50 -0.56 19.18
C THR B 7 5.74 0.11 18.62
N GLN B 8 5.60 0.78 17.48
CA GLN B 8 6.71 1.40 16.77
C GLN B 8 6.49 2.91 16.73
N SER B 9 7.06 3.63 17.70
CA SER B 9 6.97 5.08 17.77
C SER B 9 8.15 5.71 17.04
N PRO B 10 7.93 6.80 16.29
CA PRO B 10 6.61 7.36 15.97
C PRO B 10 6.01 6.73 14.72
N GLY B 11 4.96 7.34 14.17
CA GLY B 11 4.34 6.82 12.96
C GLY B 11 5.05 7.22 11.69
N THR B 12 5.47 8.48 11.61
CA THR B 12 6.14 9.00 10.43
C THR B 12 7.30 9.90 10.88
N LEU B 13 8.37 9.88 10.10
CA LEU B 13 9.55 10.72 10.37
C LEU B 13 9.87 11.51 9.11
N SER B 14 9.61 12.82 9.15
CA SER B 14 9.97 13.69 8.05
C SER B 14 11.47 14.00 8.13
N LEU B 15 12.16 13.88 7.00
CA LEU B 15 13.61 13.87 7.03
C LEU B 15 14.16 14.27 5.67
N SER B 16 15.36 14.82 5.67
CA SER B 16 16.06 15.29 4.49
C SER B 16 17.37 14.52 4.33
N PRO B 17 17.90 14.45 3.11
CA PRO B 17 19.15 13.70 2.89
C PRO B 17 20.31 14.30 3.68
N GLY B 18 21.15 13.41 4.22
CA GLY B 18 22.28 13.81 5.02
C GLY B 18 22.00 13.92 6.51
N GLU B 19 20.74 13.78 6.93
CA GLU B 19 20.36 13.93 8.32
C GLU B 19 20.53 12.60 9.05
N ARG B 20 20.19 12.58 10.33
CA ARG B 20 20.38 11.43 11.19
C ARG B 20 19.02 10.91 11.62
N ALA B 21 18.67 9.70 11.18
CA ALA B 21 17.38 9.10 11.46
C ALA B 21 17.44 8.25 12.72
N THR B 22 16.42 8.38 13.57
CA THR B 22 16.31 7.64 14.81
C THR B 22 14.89 7.09 14.92
N LEU B 23 14.74 5.79 14.72
CA LEU B 23 13.44 5.11 14.79
C LEU B 23 13.38 4.30 16.07
N SER B 24 12.26 4.40 16.79
CA SER B 24 12.07 3.68 18.04
C SER B 24 11.13 2.49 17.83
N CYS B 25 11.30 1.49 18.67
CA CYS B 25 10.50 0.26 18.61
C CYS B 25 10.25 -0.19 20.05
N ARG B 26 9.04 -0.01 20.53
CA ARG B 26 8.67 -0.39 21.89
C ARG B 26 7.96 -1.73 21.89
N ALA B 27 7.87 -2.33 23.09
CA ALA B 27 7.29 -3.64 23.25
C ALA B 27 6.34 -3.64 24.45
N SER B 28 5.56 -4.72 24.55
CA SER B 28 4.67 -4.88 25.70
C SER B 28 5.42 -5.46 26.90
N GLN B 29 6.30 -6.43 26.65
CA GLN B 29 7.10 -7.06 27.69
C GLN B 29 8.50 -7.31 27.15
N SER B 30 9.35 -7.91 27.98
CA SER B 30 10.76 -8.10 27.61
C SER B 30 10.88 -9.05 26.41
N VAL B 31 11.64 -8.63 25.42
CA VAL B 31 11.94 -9.47 24.25
C VAL B 31 13.01 -10.47 24.66
N SER B 32 12.72 -11.76 24.42
CA SER B 32 13.61 -12.82 24.88
C SER B 32 14.95 -12.75 24.15
N SER B 33 16.03 -12.68 24.94
CA SER B 33 17.41 -12.68 24.43
C SER B 33 17.68 -11.53 23.47
N SER B 34 16.90 -10.44 23.58
CA SER B 34 17.00 -9.30 22.67
C SER B 34 16.89 -9.74 21.22
N TYR B 35 15.90 -10.60 20.95
CA TYR B 35 15.64 -11.10 19.60
C TYR B 35 14.68 -10.14 18.89
N LEU B 36 15.25 -9.02 18.42
CA LEU B 36 14.50 -8.03 17.68
C LEU B 36 15.26 -7.71 16.40
N ALA B 37 14.52 -7.52 15.31
CA ALA B 37 15.09 -7.36 13.98
C ALA B 37 14.49 -6.15 13.29
N TRP B 38 15.27 -5.59 12.36
CA TRP B 38 14.89 -4.41 11.60
C TRP B 38 14.99 -4.72 10.12
N TYR B 39 13.86 -4.57 9.41
CA TYR B 39 13.73 -4.73 7.98
C TYR B 39 13.40 -3.40 7.32
N GLN B 40 13.84 -3.25 6.07
CA GLN B 40 13.52 -2.11 5.23
C GLN B 40 12.72 -2.57 4.03
N GLN B 41 11.64 -1.86 3.70
CA GLN B 41 10.81 -2.18 2.56
C GLN B 41 10.53 -0.91 1.77
N LYS B 42 10.90 -0.91 0.49
CA LYS B 42 10.60 0.03 -0.58
C LYS B 42 9.44 -0.51 -1.41
N PRO B 43 8.54 0.35 -1.88
CA PRO B 43 7.32 -0.13 -2.53
C PRO B 43 7.62 -1.02 -3.73
N GLY B 44 6.73 -1.99 -3.96
CA GLY B 44 6.91 -2.95 -5.02
C GLY B 44 7.94 -4.02 -4.77
N GLN B 45 8.63 -3.98 -3.63
CA GLN B 45 9.72 -4.91 -3.34
C GLN B 45 9.42 -5.68 -2.07
N ALA B 46 10.14 -6.78 -1.90
CA ALA B 46 10.14 -7.53 -0.66
C ALA B 46 11.03 -6.83 0.36
N PRO B 47 10.81 -7.10 1.65
CA PRO B 47 11.64 -6.45 2.68
C PRO B 47 13.09 -6.91 2.59
N ARG B 48 13.96 -6.06 3.12
CA ARG B 48 15.40 -6.34 3.21
C ARG B 48 15.81 -6.33 4.68
N LEU B 49 16.43 -7.42 5.11
CA LEU B 49 16.89 -7.51 6.49
C LEU B 49 18.06 -6.56 6.71
N LEU B 50 17.94 -5.71 7.73
CA LEU B 50 19.00 -4.78 8.11
C LEU B 50 19.69 -5.18 9.41
N ILE B 51 18.91 -5.43 10.47
CA ILE B 51 19.48 -5.72 11.79
C ILE B 51 18.84 -6.98 12.34
N TYR B 52 19.65 -7.82 12.99
CA TYR B 52 19.15 -8.95 13.75
C TYR B 52 19.81 -8.96 15.12
N GLY B 53 19.06 -9.42 16.13
CA GLY B 53 19.58 -9.45 17.48
C GLY B 53 19.92 -8.07 18.01
N ALA B 54 18.95 -7.16 17.96
CA ALA B 54 19.07 -5.81 18.51
C ALA B 54 20.12 -4.96 17.81
N SER B 55 21.38 -5.40 17.79
CA SER B 55 22.48 -4.55 17.36
C SER B 55 23.41 -5.14 16.31
N SER B 56 23.16 -6.35 15.83
CA SER B 56 24.02 -7.00 14.84
C SER B 56 23.41 -6.82 13.45
N ARG B 57 24.18 -6.24 12.53
CA ARG B 57 23.71 -6.01 11.17
C ARG B 57 24.17 -7.14 10.25
N ALA B 58 23.54 -7.21 9.09
CA ALA B 58 23.73 -8.32 8.16
C ALA B 58 24.87 -8.04 7.19
N THR B 59 25.22 -9.06 6.42
CA THR B 59 26.29 -8.97 5.44
C THR B 59 25.84 -8.09 4.28
N GLY B 60 26.60 -7.01 4.02
CA GLY B 60 26.33 -6.12 2.92
C GLY B 60 25.67 -4.81 3.32
N ILE B 61 25.03 -4.76 4.49
CA ILE B 61 24.35 -3.55 4.95
C ILE B 61 25.40 -2.47 5.22
N PRO B 62 25.27 -1.29 4.62
CA PRO B 62 26.27 -0.24 4.84
C PRO B 62 26.41 0.14 6.31
N ASP B 63 27.55 0.74 6.64
CA ASP B 63 27.88 1.02 8.03
C ASP B 63 27.00 2.10 8.64
N ARG B 64 26.30 2.89 7.83
CA ARG B 64 25.46 3.94 8.39
C ARG B 64 24.28 3.40 9.16
N PHE B 65 23.94 2.12 9.00
CA PHE B 65 22.86 1.50 9.74
C PHE B 65 23.40 0.91 11.04
N SER B 66 22.68 1.14 12.13
CA SER B 66 23.05 0.53 13.40
C SER B 66 21.80 0.33 14.24
N GLY B 67 21.90 -0.55 15.23
CA GLY B 67 20.79 -0.82 16.11
C GLY B 67 21.26 -0.91 17.55
N SER B 68 20.32 -0.72 18.47
CA SER B 68 20.61 -0.77 19.89
C SER B 68 19.31 -1.02 20.65
N GLY B 69 19.43 -1.14 21.96
CA GLY B 69 18.29 -1.34 22.83
C GLY B 69 18.24 -2.74 23.40
N SER B 70 17.31 -2.92 24.33
CA SER B 70 17.15 -4.20 25.02
C SER B 70 15.83 -4.16 25.77
N GLY B 71 15.52 -5.28 26.43
CA GLY B 71 14.33 -5.41 27.25
C GLY B 71 13.03 -5.05 26.55
N THR B 72 12.64 -3.78 26.64
CA THR B 72 11.35 -3.32 26.13
C THR B 72 11.48 -2.12 25.20
N ASP B 73 12.70 -1.70 24.87
CA ASP B 73 12.88 -0.54 24.00
C ASP B 73 14.08 -0.77 23.08
N PHE B 74 13.89 -0.53 21.79
CA PHE B 74 14.94 -0.74 20.80
C PHE B 74 14.97 0.46 19.85
N THR B 75 16.09 0.61 19.17
CA THR B 75 16.34 1.79 18.35
C THR B 75 17.12 1.42 17.09
N LEU B 76 16.69 1.96 15.97
CA LEU B 76 17.43 1.90 14.71
C LEU B 76 17.93 3.29 14.38
N THR B 77 19.19 3.37 13.94
CA THR B 77 19.84 4.65 13.69
C THR B 77 20.52 4.64 12.33
N ILE B 78 20.26 5.69 11.55
CA ILE B 78 20.94 5.94 10.28
C ILE B 78 21.72 7.24 10.42
N SER B 79 23.02 7.18 10.14
CA SER B 79 23.92 8.31 10.38
C SER B 79 23.88 9.35 9.27
N ARG B 80 23.81 8.92 8.01
CA ARG B 80 23.79 9.87 6.89
C ARG B 80 22.96 9.22 5.78
N LEU B 81 21.73 9.69 5.59
CA LEU B 81 20.82 9.06 4.66
C LEU B 81 21.23 9.32 3.22
N GLU B 82 21.21 8.26 2.42
CA GLU B 82 21.44 8.35 0.98
C GLU B 82 20.10 8.49 0.27
N PRO B 83 20.11 8.84 -1.02
CA PRO B 83 18.83 8.95 -1.75
C PRO B 83 18.02 7.67 -1.78
N GLU B 84 18.62 6.52 -1.48
CA GLU B 84 17.92 5.24 -1.54
C GLU B 84 17.37 4.80 -0.19
N ASP B 85 17.69 5.51 0.88
CA ASP B 85 17.29 5.08 2.22
C ASP B 85 15.87 5.50 2.60
N PHE B 86 15.15 6.19 1.72
CA PHE B 86 13.79 6.61 2.02
C PHE B 86 12.84 5.44 1.75
N ALA B 87 12.32 4.83 2.81
CA ALA B 87 11.47 3.66 2.70
C ALA B 87 10.75 3.46 4.02
N VAL B 88 10.02 2.34 4.14
CA VAL B 88 9.34 1.97 5.38
C VAL B 88 10.24 1.04 6.15
N TYR B 89 10.18 1.12 7.48
CA TYR B 89 11.03 0.31 8.34
C TYR B 89 10.18 -0.42 9.36
N TYR B 90 10.36 -1.74 9.44
CA TYR B 90 9.64 -2.57 10.38
C TYR B 90 10.60 -3.20 11.38
N CYS B 91 10.12 -3.41 12.60
CA CYS B 91 10.82 -4.22 13.58
C CYS B 91 9.98 -5.45 13.91
N GLN B 92 10.65 -6.58 14.06
CA GLN B 92 10.00 -7.86 14.30
C GLN B 92 10.66 -8.57 15.47
N GLN B 93 9.85 -9.05 16.40
CA GLN B 93 10.33 -9.89 17.48
C GLN B 93 10.38 -11.34 17.03
N TYR B 94 11.22 -12.13 17.71
CA TYR B 94 11.25 -13.57 17.47
C TYR B 94 11.81 -14.31 18.67
N GLY B 95 11.60 -13.77 19.87
CA GLY B 95 11.95 -14.46 21.09
C GLY B 95 10.85 -15.43 21.50
N SER B 96 9.79 -14.91 22.12
CA SER B 96 8.61 -15.70 22.45
C SER B 96 7.44 -15.43 21.53
N SER B 97 7.28 -14.19 21.06
CA SER B 97 6.28 -13.84 20.06
C SER B 97 6.99 -13.40 18.78
N PHE B 98 6.26 -13.45 17.66
CA PHE B 98 6.88 -13.26 16.35
C PHE B 98 6.12 -12.23 15.52
N THR B 99 5.61 -11.18 16.15
CA THR B 99 4.84 -10.18 15.44
C THR B 99 5.75 -9.12 14.84
N PHE B 100 5.24 -8.44 13.82
CA PHE B 100 5.91 -7.29 13.22
C PHE B 100 5.43 -6.00 13.88
N GLY B 101 6.17 -4.92 13.63
CA GLY B 101 5.78 -3.62 14.09
C GLY B 101 4.82 -2.96 13.10
N PRO B 102 4.13 -1.92 13.56
CA PRO B 102 3.20 -1.21 12.65
C PRO B 102 3.90 -0.57 11.46
N GLY B 103 5.18 -0.26 11.57
CA GLY B 103 5.91 0.37 10.49
C GLY B 103 6.20 1.83 10.77
N THR B 104 7.10 2.38 9.97
CA THR B 104 7.48 3.79 10.07
C THR B 104 8.03 4.23 8.73
N LYS B 105 7.38 5.21 8.11
CA LYS B 105 7.81 5.71 6.81
C LYS B 105 8.82 6.84 6.98
N VAL B 106 9.82 6.86 6.10
CA VAL B 106 10.83 7.92 6.08
C VAL B 106 10.74 8.58 4.72
N ASP B 107 10.05 9.72 4.67
CA ASP B 107 9.83 10.44 3.41
C ASP B 107 10.76 11.64 3.31
N ILE B 108 10.93 12.12 2.08
CA ILE B 108 11.78 13.26 1.82
C ILE B 108 11.17 14.52 2.42
N LYS B 109 12.03 15.45 2.83
CA LYS B 109 11.60 16.71 3.43
C LYS B 109 11.68 17.81 2.38
N ARG B 110 10.71 18.72 2.42
CA ARG B 110 10.71 19.88 1.55
C ARG B 110 9.91 20.99 2.22
N THR B 111 9.91 22.16 1.58
CA THR B 111 9.13 23.27 2.09
C THR B 111 7.66 22.95 2.09
N VAL B 112 6.93 23.53 3.05
CA VAL B 112 5.50 23.29 3.15
C VAL B 112 4.82 23.82 1.90
N ALA B 113 4.02 22.98 1.26
CA ALA B 113 3.30 23.33 0.05
C ALA B 113 1.82 23.11 0.27
N ALA B 114 1.02 24.14 0.01
CA ALA B 114 -0.42 24.03 0.16
C ALA B 114 -1.03 23.26 -1.00
N PRO B 115 -2.07 22.47 -0.76
CA PRO B 115 -2.71 21.72 -1.84
C PRO B 115 -3.55 22.63 -2.72
N SER B 116 -3.65 22.25 -3.99
CA SER B 116 -4.61 22.86 -4.90
C SER B 116 -5.89 22.02 -4.86
N VAL B 117 -7.01 22.67 -4.56
CA VAL B 117 -8.27 21.97 -4.31
C VAL B 117 -9.19 22.16 -5.51
N PHE B 118 -9.65 21.06 -6.08
CA PHE B 118 -10.61 21.05 -7.16
C PHE B 118 -11.79 20.17 -6.77
N ILE B 119 -12.96 20.47 -7.32
CA ILE B 119 -14.16 19.66 -7.08
C ILE B 119 -14.79 19.31 -8.41
N PHE B 120 -15.28 18.08 -8.53
CA PHE B 120 -15.85 17.55 -9.76
C PHE B 120 -17.20 16.94 -9.43
N PRO B 121 -18.28 17.44 -10.03
CA PRO B 121 -19.59 16.84 -9.81
C PRO B 121 -19.73 15.54 -10.58
N PRO B 122 -20.77 14.74 -10.32
CA PRO B 122 -20.97 13.53 -11.11
C PRO B 122 -21.35 13.87 -12.54
N SER B 123 -20.91 13.02 -13.46
CA SER B 123 -21.28 13.17 -14.86
C SER B 123 -22.74 12.75 -15.05
N ASP B 124 -23.32 13.19 -16.15
CA ASP B 124 -24.70 12.82 -16.45
C ASP B 124 -24.83 11.34 -16.79
N GLU B 125 -23.80 10.75 -17.38
CA GLU B 125 -23.81 9.32 -17.67
C GLU B 125 -23.91 8.51 -16.38
N GLN B 126 -23.12 8.86 -15.38
CA GLN B 126 -23.17 8.14 -14.11
C GLN B 126 -24.51 8.32 -13.42
N LEU B 127 -25.10 9.52 -13.53
CA LEU B 127 -26.43 9.73 -12.97
C LEU B 127 -27.48 8.90 -13.71
N LYS B 128 -27.31 8.71 -15.01
CA LYS B 128 -28.14 7.75 -15.73
C LYS B 128 -27.97 6.34 -15.16
N SER B 129 -26.74 6.01 -14.76
CA SER B 129 -26.49 4.68 -14.21
C SER B 129 -27.20 4.46 -12.88
N GLY B 130 -27.39 5.52 -12.10
CA GLY B 130 -28.09 5.42 -10.84
C GLY B 130 -27.28 5.73 -9.59
N THR B 131 -26.08 6.27 -9.73
CA THR B 131 -25.22 6.61 -8.60
C THR B 131 -24.51 7.92 -8.93
N ALA B 132 -24.12 8.66 -7.89
CA ALA B 132 -23.44 9.93 -8.05
C ALA B 132 -22.13 9.92 -7.27
N SER B 133 -21.03 10.22 -7.95
CA SER B 133 -19.71 10.31 -7.33
C SER B 133 -19.19 11.72 -7.49
N VAL B 134 -18.99 12.40 -6.37
CA VAL B 134 -18.36 13.71 -6.33
C VAL B 134 -16.91 13.53 -5.93
N VAL B 135 -16.00 14.25 -6.59
CA VAL B 135 -14.57 14.05 -6.38
C VAL B 135 -13.94 15.36 -5.91
N CYS B 136 -13.16 15.28 -4.84
CA CYS B 136 -12.39 16.40 -4.32
C CYS B 136 -10.91 16.05 -4.46
N LEU B 137 -10.18 16.86 -5.22
CA LEU B 137 -8.78 16.61 -5.53
C LEU B 137 -7.90 17.62 -4.82
N LEU B 138 -6.97 17.14 -4.00
CA LEU B 138 -5.95 17.95 -3.37
C LEU B 138 -4.63 17.62 -4.05
N ASN B 139 -4.01 18.60 -4.68
CA ASN B 139 -2.89 18.36 -5.56
C ASN B 139 -1.62 19.03 -5.04
N ASN B 140 -0.51 18.28 -5.11
CA ASN B 140 0.85 18.82 -4.95
C ASN B 140 1.00 19.59 -3.64
N PHE B 141 0.87 18.86 -2.53
CA PHE B 141 0.99 19.43 -1.21
C PHE B 141 2.04 18.68 -0.39
N TYR B 142 2.49 19.32 0.69
CA TYR B 142 3.40 18.74 1.67
C TYR B 142 3.30 19.60 2.91
N PRO B 143 3.26 19.02 4.12
CA PRO B 143 3.41 17.59 4.44
C PRO B 143 2.20 16.73 4.10
N ARG B 144 2.22 15.48 4.61
CA ARG B 144 1.23 14.50 4.22
C ARG B 144 -0.12 14.75 4.89
N GLU B 145 -0.11 15.20 6.15
CA GLU B 145 -1.34 15.31 6.91
C GLU B 145 -2.30 16.31 6.27
N ALA B 146 -3.52 15.85 6.00
CA ALA B 146 -4.55 16.68 5.39
C ALA B 146 -5.91 16.15 5.81
N LYS B 147 -6.88 17.07 5.92
CA LYS B 147 -8.24 16.70 6.34
C LYS B 147 -9.22 17.18 5.29
N VAL B 148 -10.04 16.26 4.78
CA VAL B 148 -11.09 16.57 3.83
C VAL B 148 -12.43 16.32 4.51
N GLN B 149 -13.32 17.32 4.45
CA GLN B 149 -14.62 17.25 5.07
C GLN B 149 -15.69 17.55 4.02
N TRP B 150 -16.62 16.62 3.83
CA TRP B 150 -17.69 16.81 2.87
C TRP B 150 -18.89 17.47 3.53
N LYS B 151 -19.49 18.43 2.83
CA LYS B 151 -20.68 19.14 3.30
C LYS B 151 -21.71 19.14 2.20
N VAL B 152 -22.90 18.62 2.51
CA VAL B 152 -24.01 18.55 1.58
C VAL B 152 -25.16 19.35 2.20
N ASP B 153 -25.43 20.53 1.67
CA ASP B 153 -26.36 21.48 2.27
C ASP B 153 -26.01 21.73 3.73
N ASN B 154 -24.70 21.88 4.00
CA ASN B 154 -24.12 22.10 5.31
C ASN B 154 -24.28 20.93 6.26
N ALA B 155 -24.63 19.75 5.75
CA ALA B 155 -24.66 18.53 6.56
C ALA B 155 -23.33 17.81 6.41
N LEU B 156 -22.65 17.59 7.53
CA LEU B 156 -21.34 16.94 7.50
C LEU B 156 -21.51 15.47 7.14
N GLN B 157 -20.96 15.07 6.00
CA GLN B 157 -21.02 13.68 5.55
C GLN B 157 -20.00 12.85 6.31
N SER B 158 -20.36 11.60 6.59
CA SER B 158 -19.50 10.70 7.35
C SER B 158 -19.84 9.26 6.99
N GLY B 159 -18.87 8.52 6.49
CA GLY B 159 -19.04 7.12 6.19
C GLY B 159 -19.38 6.79 4.75
N ASN B 160 -19.48 7.79 3.88
CA ASN B 160 -19.81 7.56 2.47
C ASN B 160 -18.76 8.18 1.55
N SER B 161 -17.50 8.24 2.00
CA SER B 161 -16.41 8.79 1.21
C SER B 161 -15.15 7.96 1.45
N GLN B 162 -14.28 7.94 0.43
CA GLN B 162 -13.03 7.20 0.49
C GLN B 162 -11.90 8.00 -0.12
N GLU B 163 -10.69 7.82 0.42
CA GLU B 163 -9.54 8.61 0.04
C GLU B 163 -8.42 7.72 -0.51
N SER B 164 -7.70 8.24 -1.50
CA SER B 164 -6.51 7.60 -2.05
C SER B 164 -5.39 8.61 -2.14
N VAL B 165 -4.19 8.21 -1.74
CA VAL B 165 -3.03 9.08 -1.72
C VAL B 165 -1.92 8.46 -2.54
N THR B 166 -1.28 9.28 -3.36
CA THR B 166 -0.13 8.85 -4.14
C THR B 166 1.10 8.76 -3.24
N GLU B 167 2.14 8.10 -3.75
CA GLU B 167 3.44 8.19 -3.12
C GLU B 167 4.07 9.56 -3.42
N GLN B 168 5.17 9.84 -2.75
CA GLN B 168 5.85 11.11 -2.95
C GLN B 168 6.31 11.24 -4.39
N ASP B 169 5.87 12.32 -5.05
CA ASP B 169 6.24 12.55 -6.44
C ASP B 169 7.75 12.66 -6.57
N SER B 170 8.32 11.95 -7.54
CA SER B 170 9.77 11.87 -7.64
C SER B 170 10.41 13.20 -8.01
N LYS B 171 9.66 14.13 -8.62
CA LYS B 171 10.25 15.40 -9.01
C LYS B 171 10.14 16.46 -7.92
N ASP B 172 8.92 16.71 -7.42
CA ASP B 172 8.69 17.78 -6.46
C ASP B 172 8.49 17.29 -5.04
N SER B 173 8.50 15.97 -4.82
CA SER B 173 8.42 15.39 -3.47
C SER B 173 7.14 15.77 -2.74
N THR B 174 6.07 16.03 -3.49
CA THR B 174 4.79 16.40 -2.92
C THR B 174 3.83 15.21 -2.92
N TYR B 175 2.64 15.44 -2.39
CA TYR B 175 1.60 14.43 -2.31
C TYR B 175 0.34 14.88 -3.05
N SER B 176 -0.50 13.91 -3.39
CA SER B 176 -1.79 14.19 -3.99
C SER B 176 -2.81 13.25 -3.38
N LEU B 177 -3.98 13.78 -3.06
CA LEU B 177 -5.06 13.05 -2.41
C LEU B 177 -6.33 13.19 -3.25
N SER B 178 -7.07 12.09 -3.36
CA SER B 178 -8.33 12.06 -4.10
C SER B 178 -9.39 11.50 -3.19
N SER B 179 -10.42 12.30 -2.92
CA SER B 179 -11.52 11.89 -2.04
C SER B 179 -12.79 11.77 -2.88
N THR B 180 -13.48 10.64 -2.74
CA THR B 180 -14.69 10.37 -3.49
C THR B 180 -15.86 10.21 -2.52
N LEU B 181 -16.88 11.05 -2.70
CA LEU B 181 -18.15 10.95 -1.99
C LEU B 181 -19.16 10.28 -2.90
N THR B 182 -19.77 9.20 -2.40
CA THR B 182 -20.69 8.39 -3.19
C THR B 182 -22.09 8.49 -2.59
N LEU B 183 -23.05 8.90 -3.43
CA LEU B 183 -24.45 8.99 -3.03
C LEU B 183 -25.31 8.27 -4.05
N SER B 184 -26.54 7.96 -3.66
CA SER B 184 -27.51 7.50 -4.64
C SER B 184 -28.00 8.67 -5.47
N LYS B 185 -28.54 8.36 -6.65
CA LYS B 185 -29.12 9.41 -7.49
C LYS B 185 -30.25 10.12 -6.78
N ALA B 186 -31.10 9.36 -6.07
CA ALA B 186 -32.19 9.95 -5.32
C ALA B 186 -31.68 10.91 -4.25
N ASP B 187 -30.72 10.45 -3.44
CA ASP B 187 -30.16 11.32 -2.41
C ASP B 187 -29.40 12.49 -3.03
N TYR B 188 -28.77 12.29 -4.18
CA TYR B 188 -28.05 13.38 -4.82
C TYR B 188 -29.00 14.47 -5.30
N GLU B 189 -30.14 14.09 -5.84
CA GLU B 189 -31.10 15.05 -6.39
C GLU B 189 -31.93 15.74 -5.32
N LYS B 190 -31.79 15.37 -4.05
CA LYS B 190 -32.52 16.01 -2.96
C LYS B 190 -31.74 17.17 -2.33
N HIS B 191 -30.53 17.46 -2.80
CA HIS B 191 -29.70 18.49 -2.22
C HIS B 191 -29.10 19.33 -3.33
N LYS B 192 -28.65 20.54 -2.95
CA LYS B 192 -28.19 21.54 -3.91
C LYS B 192 -26.68 21.78 -3.80
N VAL B 193 -26.20 22.24 -2.66
CA VAL B 193 -24.81 22.68 -2.52
C VAL B 193 -23.95 21.50 -2.07
N TYR B 194 -22.89 21.23 -2.82
CA TYR B 194 -21.93 20.17 -2.48
C TYR B 194 -20.56 20.81 -2.34
N ALA B 195 -19.90 20.57 -1.20
CA ALA B 195 -18.63 21.22 -0.90
C ALA B 195 -17.69 20.25 -0.23
N CYS B 196 -16.39 20.47 -0.45
CA CYS B 196 -15.35 19.85 0.36
C CYS B 196 -14.47 20.93 0.94
N GLU B 197 -14.30 20.87 2.27
CA GLU B 197 -13.45 21.78 3.00
C GLU B 197 -12.15 21.08 3.36
N VAL B 198 -11.03 21.70 3.02
CA VAL B 198 -9.70 21.13 3.19
C VAL B 198 -9.00 21.87 4.30
N THR B 199 -8.40 21.11 5.23
CA THR B 199 -7.56 21.64 6.29
C THR B 199 -6.16 21.08 6.12
N HIS B 200 -5.18 21.98 6.03
CA HIS B 200 -3.79 21.60 5.82
C HIS B 200 -2.90 22.65 6.45
N GLN B 201 -1.66 22.25 6.76
CA GLN B 201 -0.73 23.14 7.45
C GLN B 201 -0.42 24.38 6.63
N GLY B 202 -0.35 24.25 5.30
CA GLY B 202 0.01 25.36 4.46
C GLY B 202 -1.15 26.29 4.11
N LEU B 203 -2.20 26.26 4.92
CA LEU B 203 -3.38 27.10 4.71
C LEU B 203 -3.64 27.92 5.96
N SER B 204 -3.89 29.21 5.78
CA SER B 204 -4.21 30.07 6.92
C SER B 204 -5.55 29.69 7.53
N SER B 205 -6.52 29.33 6.70
CA SER B 205 -7.83 28.89 7.13
C SER B 205 -8.30 27.80 6.17
N PRO B 206 -9.15 26.88 6.64
CA PRO B 206 -9.63 25.80 5.76
C PRO B 206 -10.28 26.35 4.50
N VAL B 207 -9.97 25.72 3.36
CA VAL B 207 -10.41 26.20 2.05
C VAL B 207 -11.55 25.32 1.57
N THR B 208 -12.67 25.93 1.23
CA THR B 208 -13.86 25.22 0.80
C THR B 208 -14.05 25.38 -0.70
N LYS B 209 -14.24 24.26 -1.39
CA LYS B 209 -14.57 24.26 -2.82
C LYS B 209 -15.95 23.63 -2.99
N SER B 210 -16.82 24.30 -3.74
CA SER B 210 -18.21 23.88 -3.79
C SER B 210 -18.79 24.09 -5.19
N PHE B 211 -19.92 23.44 -5.42
CA PHE B 211 -20.75 23.67 -6.59
C PHE B 211 -22.21 23.51 -6.22
N ASN B 212 -23.08 24.02 -7.08
CA ASN B 212 -24.52 23.86 -6.94
C ASN B 212 -25.00 22.88 -7.99
N ARG B 213 -25.80 21.91 -7.56
CA ARG B 213 -26.22 20.83 -8.45
C ARG B 213 -27.01 21.38 -9.63
N GLY B 214 -26.59 20.99 -10.84
CA GLY B 214 -27.22 21.46 -12.06
C GLY B 214 -26.96 22.92 -12.35
N GLU B 215 -25.68 23.29 -12.47
CA GLU B 215 -25.31 24.68 -12.69
C GLU B 215 -24.15 24.80 -13.68
N1 EPE C . 2.58 1.88 5.34
C2 EPE C . 2.37 3.30 5.64
C3 EPE C . 3.38 3.77 6.69
N4 EPE C . 3.35 2.92 7.85
C5 EPE C . 3.35 1.48 7.66
C6 EPE C . 2.40 1.05 6.55
C7 EPE C . 3.63 3.47 9.17
C8 EPE C . 2.54 4.39 9.68
O8 EPE C . 2.63 5.65 9.04
C9 EPE C . 1.60 1.48 4.32
C10 EPE C . 2.03 2.01 2.96
S EPE C . 3.08 0.88 2.02
O1S EPE C . 2.53 -0.48 2.09
O2S EPE C . 3.13 1.31 0.62
O3S EPE C . 4.43 0.89 2.58
#